data_2XSB
#
_entry.id   2XSB
#
_cell.length_a   84.583
_cell.length_b   96.289
_cell.length_c   59.973
_cell.angle_alpha   90.00
_cell.angle_beta   104.01
_cell.angle_gamma   90.00
#
_symmetry.space_group_name_H-M   'C 1 2 1'
#
loop_
_entity.id
_entity.type
_entity.pdbx_description
1 polymer HYALURONOGLUCOSAMINIDASE
2 non-polymer 2-(acetylamido)-2-deoxy-D-glucono-1,5-lactone
3 non-polymer 'CHLORIDE ION'
4 water water
#
_entity_poly.entity_id   1
_entity_poly.type   'polypeptide(L)'
_entity_poly.pdbx_seq_one_letter_code
;MLTGVIEGFYGRDWRRDERATVMDWIAAAGMNTYIYGPKDDVHVRARWRVPYDAAGLARLTELRDAAAARGMVFYVSLAP
CLDVTYSDPQDRAALLARVDQLARAGLRNLVLLFDDIPSVLPEADRHRFDSFAEAQADLSNMVLRHLRGAGHVVFCPTEY
CGRMAGGDPRGSAYLQRLGSTLDPAIDIFWTGPEIVSEEIVAAHLAAVGEVLRRRPVIWDNFHANDYDIRRVFAGPLGGR
SRDILPLVAGWITNPNNEAEANFPAIHTTGAYLADPDYAPERAIAAAVAAWQPRFRLAFGDGAVPSDLVALLCDLFWQPF
ALGPETTRILSALRAALTVPRPDPSDPAWRAALEDLRDLKRRINKLFTLMTEIENRDLFHTFHNYLWEAQEEVGHLVAYC
DWLDEAPPPGAVFPATDRIHNFYRRGFGVAVQDILQRDRQGRYHHGV
;
_entity_poly.pdbx_strand_id   A
#
loop_
_chem_comp.id
_chem_comp.type
_chem_comp.name
_chem_comp.formula
CL non-polymer 'CHLORIDE ION' 'Cl -1'
GDL D-saccharide 2-(acetylamido)-2-deoxy-D-glucono-1,5-lactone 'C8 H13 N O6'
#
# COMPACT_ATOMS: atom_id res chain seq x y z
N MET A 1 7.97 18.89 2.16
CA MET A 1 7.15 17.70 2.54
C MET A 1 7.74 16.37 2.05
N LEU A 2 7.86 15.43 2.96
CA LEU A 2 8.33 14.09 2.66
C LEU A 2 7.26 13.26 1.96
N THR A 3 7.58 12.75 0.77
CA THR A 3 6.64 11.95 0.00
C THR A 3 7.35 10.78 -0.67
N GLY A 4 6.70 9.62 -0.70
CA GLY A 4 7.22 8.48 -1.40
C GLY A 4 6.74 7.13 -0.90
N VAL A 5 7.65 6.17 -0.92
CA VAL A 5 7.34 4.75 -0.68
C VAL A 5 8.13 4.18 0.47
N ILE A 6 7.47 3.36 1.27
CA ILE A 6 8.14 2.51 2.25
C ILE A 6 8.08 1.04 1.83
N GLU A 7 9.24 0.43 1.78
CA GLU A 7 9.34 -0.98 1.62
C GLU A 7 9.13 -1.60 3.03
N GLY A 8 7.89 -1.56 3.51
CA GLY A 8 7.55 -1.97 4.90
C GLY A 8 6.33 -2.85 5.06
N PHE A 9 6.15 -3.76 4.10
CA PHE A 9 5.02 -4.69 4.03
C PHE A 9 5.49 -6.12 4.36
N TYR A 10 4.51 -6.98 4.69
CA TYR A 10 4.82 -8.38 5.00
C TYR A 10 4.97 -9.27 3.77
N GLY A 11 6.18 -9.26 3.22
CA GLY A 11 6.53 -10.10 2.07
C GLY A 11 8.00 -10.17 1.76
N ARG A 12 8.31 -10.71 0.58
CA ARG A 12 9.67 -10.85 0.06
C ARG A 12 10.37 -9.47 -0.09
N ASP A 13 11.70 -9.42 0.00
CA ASP A 13 12.42 -8.14 -0.22
C ASP A 13 12.57 -7.95 -1.71
N TRP A 14 12.67 -6.69 -2.14
CA TRP A 14 12.90 -6.43 -3.56
C TRP A 14 14.38 -6.60 -3.92
N ARG A 15 14.63 -7.07 -5.14
CA ARG A 15 15.99 -7.09 -5.70
C ARG A 15 16.47 -5.66 -6.00
N ARG A 16 17.76 -5.53 -6.29
CA ARG A 16 18.35 -4.24 -6.56
C ARG A 16 17.73 -3.57 -7.78
N ASP A 17 17.49 -4.33 -8.85
CA ASP A 17 16.80 -3.80 -10.04
C ASP A 17 15.37 -3.36 -9.75
N GLU A 18 14.69 -4.09 -8.86
CA GLU A 18 13.31 -3.76 -8.50
C GLU A 18 13.25 -2.44 -7.74
N ARG A 19 14.14 -2.27 -6.76
CA ARG A 19 14.24 -1.03 -6.00
C ARG A 19 14.58 0.16 -6.91
N ALA A 20 15.49 -0.07 -7.87
CA ALA A 20 15.87 0.93 -8.87
C ALA A 20 14.70 1.34 -9.73
N THR A 21 13.89 0.33 -10.15
CA THR A 21 12.68 0.55 -10.90
C THR A 21 11.67 1.33 -10.08
N VAL A 22 11.43 0.92 -8.85
CA VAL A 22 10.49 1.64 -7.99
C VAL A 22 10.99 3.08 -7.79
N MET A 23 12.30 3.25 -7.73
CA MET A 23 12.82 4.58 -7.46
C MET A 23 12.57 5.48 -8.68
N ASP A 24 12.70 4.92 -9.89
CA ASP A 24 12.38 5.69 -11.08
C ASP A 24 10.93 6.16 -11.02
N TRP A 25 10.04 5.26 -10.59
CA TRP A 25 8.62 5.55 -10.64
C TRP A 25 8.28 6.66 -9.68
N ILE A 26 8.82 6.57 -8.47
CA ILE A 26 8.64 7.57 -7.42
C ILE A 26 9.10 8.96 -7.89
N ALA A 27 10.29 9.01 -8.50
CA ALA A 27 10.85 10.28 -8.98
C ALA A 27 9.99 10.82 -10.11
N ALA A 28 9.56 9.95 -11.02
CA ALA A 28 8.72 10.39 -12.13
C ALA A 28 7.36 10.93 -11.65
N ALA A 29 6.86 10.38 -10.55
CA ALA A 29 5.64 10.85 -9.90
C ALA A 29 5.85 12.18 -9.11
N GLY A 30 7.09 12.68 -9.09
CA GLY A 30 7.42 13.93 -8.40
C GLY A 30 7.47 13.79 -6.89
N MET A 31 7.72 12.57 -6.43
CA MET A 31 7.83 12.31 -5.00
C MET A 31 9.33 12.24 -4.66
N ASN A 32 9.70 12.22 -3.38
CA ASN A 32 11.08 12.48 -2.95
C ASN A 32 11.69 11.54 -1.90
N THR A 33 10.98 10.48 -1.54
CA THR A 33 11.43 9.63 -0.41
C THR A 33 11.34 8.14 -0.67
N TYR A 34 12.39 7.42 -0.32
CA TYR A 34 12.36 5.97 -0.29
C TYR A 34 12.81 5.49 1.07
N ILE A 35 11.94 4.72 1.72
CA ILE A 35 12.27 4.14 3.01
C ILE A 35 12.48 2.63 2.94
N TYR A 36 13.69 2.25 3.33
CA TYR A 36 14.09 0.87 3.46
C TYR A 36 13.78 0.29 4.84
N GLY A 37 13.06 -0.83 4.85
CA GLY A 37 12.74 -1.55 6.08
C GLY A 37 12.11 -2.93 5.85
N PRO A 38 12.69 -3.74 4.93
CA PRO A 38 12.12 -5.05 4.66
C PRO A 38 12.30 -6.07 5.79
N LYS A 39 11.28 -6.89 5.99
CA LYS A 39 11.31 -8.00 6.93
C LYS A 39 12.41 -9.02 6.61
N ASP A 40 12.86 -9.08 5.34
CA ASP A 40 14.04 -9.89 4.94
C ASP A 40 15.29 -9.57 5.75
N ASP A 41 15.46 -8.28 6.06
CA ASP A 41 16.66 -7.78 6.70
C ASP A 41 16.54 -8.11 8.17
N VAL A 42 17.37 -9.03 8.66
CA VAL A 42 17.23 -9.49 10.03
C VAL A 42 17.70 -8.39 10.97
N HIS A 43 18.53 -7.48 10.45
CA HIS A 43 19.07 -6.39 11.26
C HIS A 43 18.02 -5.35 11.59
N VAL A 44 17.04 -5.15 10.71
CA VAL A 44 16.05 -4.10 10.91
C VAL A 44 15.32 -4.29 12.23
N ARG A 45 14.94 -5.54 12.49
CA ARG A 45 14.00 -5.83 13.55
C ARG A 45 14.33 -7.06 14.40
N ALA A 46 14.29 -8.24 13.76
CA ALA A 46 14.34 -9.51 14.49
C ALA A 46 15.57 -9.57 15.38
N ARG A 47 16.73 -9.22 14.80
CA ARG A 47 17.99 -9.11 15.53
C ARG A 47 18.57 -7.69 15.49
N TRP A 48 17.80 -6.73 16.01
CA TRP A 48 18.11 -5.32 15.79
C TRP A 48 19.42 -4.83 16.44
N ARG A 49 19.87 -5.47 17.52
CA ARG A 49 21.11 -5.09 18.20
C ARG A 49 22.34 -5.41 17.36
N VAL A 50 22.17 -6.23 16.33
CA VAL A 50 23.32 -6.64 15.56
C VAL A 50 23.57 -5.61 14.46
N PRO A 51 24.75 -4.96 14.49
CA PRO A 51 25.14 -4.01 13.44
C PRO A 51 25.27 -4.70 12.09
N TYR A 52 25.07 -3.94 11.04
CA TYR A 52 25.21 -4.44 9.69
C TYR A 52 26.60 -4.98 9.43
N ASP A 53 26.69 -5.77 8.37
CA ASP A 53 27.93 -6.30 7.85
C ASP A 53 28.60 -5.16 7.11
N ALA A 54 29.87 -5.33 6.74
CA ALA A 54 30.51 -4.38 5.85
C ALA A 54 29.74 -4.33 4.52
N ALA A 55 29.40 -5.52 4.00
CA ALA A 55 28.67 -5.67 2.72
C ALA A 55 27.23 -5.19 2.81
N GLY A 56 26.64 -5.36 3.99
CA GLY A 56 25.28 -4.87 4.26
C GLY A 56 25.19 -3.35 4.23
N LEU A 57 26.21 -2.68 4.78
CA LEU A 57 26.28 -1.22 4.72
C LEU A 57 26.48 -0.82 3.30
N ALA A 58 27.43 -1.46 2.64
CA ALA A 58 27.72 -1.21 1.23
C ALA A 58 26.43 -1.20 0.41
N ARG A 59 25.63 -2.24 0.56
CA ARG A 59 24.36 -2.34 -0.14
C ARG A 59 23.46 -1.11 0.12
N LEU A 60 23.36 -0.70 1.38
CA LEU A 60 22.57 0.48 1.77
C LEU A 60 23.09 1.80 1.18
N THR A 61 24.40 2.03 1.27
CA THR A 61 24.99 3.23 0.69
C THR A 61 24.72 3.26 -0.80
N GLU A 62 24.74 2.09 -1.42
CA GLU A 62 24.40 2.00 -2.83
C GLU A 62 22.99 2.50 -3.10
N LEU A 63 22.03 2.03 -2.29
CA LEU A 63 20.65 2.46 -2.37
C LEU A 63 20.51 3.98 -2.12
N ARG A 64 21.23 4.48 -1.10
CA ARG A 64 21.23 5.92 -0.82
C ARG A 64 21.60 6.69 -2.07
N ASP A 65 22.67 6.22 -2.72
CA ASP A 65 23.20 6.85 -3.90
C ASP A 65 22.31 6.73 -5.12
N ALA A 66 21.66 5.57 -5.26
CA ALA A 66 20.73 5.39 -6.37
C ALA A 66 19.53 6.31 -6.19
N ALA A 67 19.18 6.58 -4.93
CA ALA A 67 18.07 7.48 -4.58
C ALA A 67 18.47 8.93 -4.73
N ALA A 68 19.69 9.27 -4.31
CA ALA A 68 20.19 10.64 -4.46
C ALA A 68 20.32 10.98 -5.92
N ALA A 69 20.74 10.00 -6.72
CA ALA A 69 20.83 10.18 -8.17
C ALA A 69 19.47 10.50 -8.80
N ARG A 70 18.40 10.23 -8.06
CA ARG A 70 17.06 10.39 -8.61
C ARG A 70 16.33 11.58 -8.03
N GLY A 71 17.01 12.31 -7.16
CA GLY A 71 16.39 13.43 -6.50
C GLY A 71 15.57 12.96 -5.31
N MET A 72 15.98 11.84 -4.71
CA MET A 72 15.26 11.34 -3.56
C MET A 72 16.17 11.18 -2.34
N VAL A 73 15.56 11.31 -1.18
CA VAL A 73 16.14 11.03 0.13
C VAL A 73 15.80 9.58 0.57
N PHE A 74 16.70 8.99 1.35
CA PHE A 74 16.69 7.59 1.64
C PHE A 74 16.81 7.39 3.14
N TYR A 75 15.87 6.64 3.69
CA TYR A 75 15.77 6.39 5.11
C TYR A 75 16.00 4.92 5.40
N VAL A 76 16.55 4.68 6.58
CA VAL A 76 16.77 3.34 7.06
C VAL A 76 15.94 3.13 8.31
N SER A 77 15.33 1.97 8.40
CA SER A 77 14.48 1.63 9.54
C SER A 77 15.22 0.81 10.59
N LEU A 78 14.73 0.98 11.81
CA LEU A 78 15.18 0.27 12.99
C LEU A 78 13.96 0.07 13.87
N ALA A 79 13.75 -1.17 14.26
CA ALA A 79 12.56 -1.57 14.99
C ALA A 79 12.99 -2.31 16.25
N PRO A 80 13.41 -1.55 17.28
CA PRO A 80 13.85 -2.10 18.54
C PRO A 80 12.71 -1.94 19.52
N CYS A 81 11.69 -2.77 19.39
CA CYS A 81 10.49 -2.61 20.19
C CYS A 81 10.02 -3.91 20.79
N LEU A 82 10.53 -5.02 20.27
CA LEU A 82 10.03 -6.31 20.70
C LEU A 82 10.63 -6.73 22.04
N ASP A 83 11.95 -6.69 22.16
CA ASP A 83 12.61 -7.15 23.38
C ASP A 83 13.41 -6.04 24.05
N VAL A 84 12.92 -4.80 23.95
CA VAL A 84 13.65 -3.65 24.48
C VAL A 84 13.37 -3.37 25.96
N THR A 85 14.46 -3.27 26.73
CA THR A 85 14.39 -2.64 28.04
C THR A 85 14.88 -1.20 27.85
N TYR A 86 13.93 -0.27 27.91
CA TYR A 86 14.16 1.13 27.50
C TYR A 86 15.20 1.89 28.31
N SER A 87 15.48 1.44 29.53
CA SER A 87 16.46 2.11 30.43
C SER A 87 17.84 1.46 30.46
N ASP A 88 17.97 0.28 29.86
CA ASP A 88 19.21 -0.47 30.01
C ASP A 88 20.32 0.17 29.20
N PRO A 89 21.44 0.49 29.86
CA PRO A 89 22.56 1.07 29.14
C PRO A 89 23.09 0.19 28.00
N GLN A 90 23.05 -1.14 28.17
CA GLN A 90 23.48 -2.07 27.14
C GLN A 90 22.61 -1.96 25.86
N ASP A 91 21.29 -1.88 26.05
CA ASP A 91 20.35 -1.70 24.93
C ASP A 91 20.51 -0.32 24.29
N ARG A 92 20.57 0.71 25.14
CA ARG A 92 20.77 2.09 24.69
C ARG A 92 22.00 2.29 23.84
N ALA A 93 23.11 1.68 24.24
CA ALA A 93 24.38 1.78 23.49
C ALA A 93 24.26 1.01 22.20
N ALA A 94 23.64 -0.16 22.29
CA ALA A 94 23.39 -1.01 21.12
C ALA A 94 22.53 -0.24 20.09
N LEU A 95 21.45 0.39 20.55
CA LEU A 95 20.67 1.29 19.69
C LEU A 95 21.57 2.36 19.09
N LEU A 96 22.30 3.05 19.97
CA LEU A 96 23.24 4.09 19.58
C LEU A 96 24.33 3.60 18.64
N ALA A 97 24.80 2.36 18.80
CA ALA A 97 25.80 1.84 17.85
C ALA A 97 25.17 1.61 16.48
N ARG A 98 23.91 1.15 16.48
CA ARG A 98 23.16 1.02 15.22
C ARG A 98 23.11 2.38 14.54
N VAL A 99 22.58 3.36 15.28
CA VAL A 99 22.47 4.75 14.82
C VAL A 99 23.84 5.28 14.37
N ASP A 100 24.87 5.03 15.18
CA ASP A 100 26.21 5.52 14.88
C ASP A 100 26.85 4.87 13.68
N GLN A 101 26.67 3.56 13.51
CA GLN A 101 27.19 2.89 12.33
C GLN A 101 26.59 3.49 11.05
N LEU A 102 25.28 3.75 11.09
CA LEU A 102 24.60 4.36 9.97
C LEU A 102 25.04 5.83 9.86
N ALA A 103 24.95 6.58 10.98
CA ALA A 103 25.26 8.01 10.98
C ALA A 103 26.60 8.25 10.33
N ARG A 104 27.61 7.52 10.79
CA ARG A 104 28.95 7.57 10.19
C ARG A 104 29.07 6.96 8.79
N ALA A 105 28.08 6.18 8.38
CA ALA A 105 28.09 5.70 7.00
C ALA A 105 27.50 6.83 6.16
N GLY A 106 26.95 7.83 6.85
CA GLY A 106 26.34 8.98 6.21
C GLY A 106 24.90 8.69 5.92
N LEU A 107 24.26 7.92 6.81
CA LEU A 107 22.86 7.54 6.65
C LEU A 107 22.18 8.01 7.90
N ARG A 108 21.60 9.19 7.80
CA ARG A 108 21.17 9.93 8.99
C ARG A 108 19.66 10.11 8.98
N ASN A 109 19.01 9.65 7.92
CA ASN A 109 17.56 9.65 7.84
C ASN A 109 17.10 8.30 8.34
N LEU A 110 16.34 8.32 9.43
CA LEU A 110 15.96 7.10 10.12
C LEU A 110 14.48 7.03 10.44
N VAL A 111 13.97 5.80 10.43
CA VAL A 111 12.67 5.48 10.99
C VAL A 111 12.88 4.57 12.17
N LEU A 112 12.22 4.90 13.28
CA LEU A 112 12.25 4.05 14.45
C LEU A 112 10.85 3.50 14.67
N LEU A 113 10.73 2.18 14.61
CA LEU A 113 9.40 1.56 14.68
C LEU A 113 9.09 0.94 16.02
N PHE A 114 7.88 1.23 16.49
CA PHE A 114 7.39 0.77 17.77
C PHE A 114 6.02 0.14 17.63
N ASP A 115 5.78 -0.49 16.48
CA ASP A 115 4.48 -1.09 16.20
C ASP A 115 4.16 -2.39 16.95
N ASP A 116 5.19 -3.16 17.32
CA ASP A 116 4.93 -4.45 18.00
C ASP A 116 5.69 -4.60 19.34
N ILE A 117 4.93 -4.47 20.42
CA ILE A 117 5.44 -4.32 21.78
C ILE A 117 4.90 -5.40 22.74
N PRO A 118 5.61 -5.65 23.86
CA PRO A 118 5.13 -6.57 24.91
C PRO A 118 3.97 -5.95 25.68
N SER A 119 3.01 -6.78 26.08
CA SER A 119 1.75 -6.32 26.71
C SER A 119 1.93 -5.40 27.92
N VAL A 120 3.08 -5.51 28.60
CA VAL A 120 3.42 -4.72 29.79
C VAL A 120 4.87 -4.27 29.70
N LEU A 121 5.18 -3.12 30.30
CA LEU A 121 6.55 -2.59 30.37
C LEU A 121 7.51 -3.53 31.10
N PRO A 122 8.73 -3.70 30.57
CA PRO A 122 9.77 -4.56 31.15
C PRO A 122 10.21 -4.09 32.54
N GLU A 123 10.31 -5.04 33.47
CA GLU A 123 10.44 -4.78 34.91
C GLU A 123 11.53 -3.76 35.25
N ALA A 124 12.71 -3.90 34.63
CA ALA A 124 13.84 -2.97 34.83
C ALA A 124 13.55 -1.53 34.41
N ASP A 125 12.31 -1.29 33.94
CA ASP A 125 11.84 0.05 33.54
C ASP A 125 10.78 0.58 34.52
N ARG A 126 9.59 -0.03 34.51
CA ARG A 126 8.42 0.47 35.24
C ARG A 126 8.67 0.80 36.71
N PHE A 129 9.67 4.29 33.70
CA PHE A 129 8.89 5.42 33.22
C PHE A 129 7.43 5.22 33.60
N ASP A 130 6.61 6.23 33.34
CA ASP A 130 5.20 6.18 33.67
C ASP A 130 4.46 5.32 32.62
N SER A 131 5.07 5.19 31.44
CA SER A 131 4.37 4.61 30.28
C SER A 131 5.30 4.13 29.19
N PHE A 132 4.74 3.32 28.28
CA PHE A 132 5.39 3.01 27.00
C PHE A 132 5.75 4.27 26.22
N ALA A 133 4.80 5.21 26.15
CA ALA A 133 4.97 6.47 25.42
C ALA A 133 6.23 7.23 25.84
N GLU A 134 6.38 7.45 27.16
CA GLU A 134 7.54 8.17 27.71
C GLU A 134 8.85 7.44 27.43
N ALA A 135 8.82 6.12 27.55
CA ALA A 135 10.00 5.29 27.31
C ALA A 135 10.46 5.36 25.86
N GLN A 136 9.53 5.05 24.96
CA GLN A 136 9.79 5.18 23.51
C GLN A 136 10.23 6.60 23.15
N ALA A 137 9.52 7.58 23.70
CA ALA A 137 9.84 9.00 23.45
C ALA A 137 11.27 9.29 23.86
N ASP A 138 11.59 8.92 25.11
CA ASP A 138 12.95 9.13 25.65
C ASP A 138 13.99 8.43 24.80
N LEU A 139 13.71 7.17 24.43
CA LEU A 139 14.61 6.40 23.59
C LEU A 139 14.82 7.05 22.22
N SER A 140 13.74 7.59 21.66
CA SER A 140 13.80 8.27 20.37
C SER A 140 14.51 9.62 20.45
N ASN A 141 14.26 10.35 21.52
CA ASN A 141 14.94 11.64 21.69
C ASN A 141 16.44 11.44 21.74
N MET A 142 16.86 10.38 22.45
CA MET A 142 18.26 9.99 22.56
C MET A 142 18.87 9.88 21.18
N VAL A 143 18.14 9.19 20.30
CA VAL A 143 18.60 8.94 18.94
C VAL A 143 18.73 10.26 18.20
N LEU A 144 17.74 11.12 18.38
CA LEU A 144 17.78 12.46 17.76
C LEU A 144 19.01 13.25 18.23
N ARG A 145 19.20 13.31 19.55
CA ARG A 145 20.30 14.05 20.16
C ARG A 145 21.64 13.47 19.75
N HIS A 146 21.66 12.19 19.42
CA HIS A 146 22.89 11.59 18.92
C HIS A 146 23.26 12.04 17.52
N LEU A 147 22.28 12.39 16.69
CA LEU A 147 22.57 12.88 15.34
C LEU A 147 23.04 14.35 15.31
N ARG A 148 22.81 15.06 16.42
CA ARG A 148 23.24 16.46 16.57
C ARG A 148 22.67 17.35 15.46
N GLY A 149 21.35 17.24 15.25
CA GLY A 149 20.60 18.13 14.38
C GLY A 149 20.84 17.97 12.89
N ALA A 150 21.63 16.96 12.52
CA ALA A 150 21.93 16.72 11.12
C ALA A 150 21.45 15.33 10.72
N GLY A 151 20.18 15.26 10.37
CA GLY A 151 19.52 14.00 10.04
C GLY A 151 18.06 14.16 10.40
N HIS A 152 17.26 13.15 10.08
CA HIS A 152 15.85 13.25 10.32
C HIS A 152 15.27 11.95 10.85
N VAL A 153 14.33 12.06 11.79
CA VAL A 153 13.77 10.88 12.41
C VAL A 153 12.26 10.85 12.28
N VAL A 154 11.75 9.73 11.77
CA VAL A 154 10.31 9.48 11.82
C VAL A 154 10.04 8.26 12.69
N PHE A 155 9.01 8.40 13.50
CA PHE A 155 8.65 7.49 14.55
C PHE A 155 7.35 6.79 14.15
N CYS A 156 7.37 5.47 14.15
CA CYS A 156 6.10 4.73 13.98
C CYS A 156 5.58 4.31 15.33
N PRO A 157 4.46 4.90 15.76
CA PRO A 157 3.94 4.69 17.09
C PRO A 157 3.23 3.35 17.24
N THR A 158 2.94 2.97 18.49
CA THR A 158 2.38 1.65 18.79
C THR A 158 0.92 1.61 18.42
N GLU A 159 0.24 2.73 18.62
CA GLU A 159 -1.13 2.93 18.21
C GLU A 159 -1.16 3.90 17.03
N TYR A 160 -1.19 3.34 15.80
CA TYR A 160 -1.02 4.11 14.55
C TYR A 160 -2.26 4.36 13.71
N CYS A 161 -3.44 3.96 14.19
CA CYS A 161 -4.71 4.32 13.53
C CYS A 161 -5.77 4.59 14.59
N GLY A 162 -6.85 5.23 14.17
CA GLY A 162 -7.98 5.53 15.05
C GLY A 162 -8.40 4.37 15.93
N ARG A 163 -8.70 3.23 15.30
CA ARG A 163 -9.20 2.05 16.00
C ARG A 163 -8.30 1.64 17.18
N MET A 164 -7.00 1.60 16.94
CA MET A 164 -6.02 1.25 17.97
C MET A 164 -5.89 2.32 19.05
N ALA A 165 -6.38 3.53 18.75
CA ALA A 165 -6.38 4.64 19.69
C ALA A 165 -7.73 4.73 20.42
N GLY A 166 -8.64 3.84 20.09
CA GLY A 166 -9.93 3.78 20.78
C GLY A 166 -11.07 4.50 20.09
N GLY A 167 -10.83 5.00 18.89
CA GLY A 167 -11.86 5.74 18.13
C GLY A 167 -11.45 7.19 17.89
N ASP A 168 -11.58 8.02 18.93
CA ASP A 168 -11.08 9.38 18.83
C ASP A 168 -9.65 9.32 19.35
N PRO A 169 -8.69 9.77 18.52
CA PRO A 169 -7.27 9.69 18.92
C PRO A 169 -6.99 10.57 20.12
N ARG A 170 -7.79 11.62 20.28
CA ARG A 170 -7.67 12.53 21.43
C ARG A 170 -8.04 11.84 22.72
N GLY A 171 -8.65 10.66 22.61
CA GLY A 171 -8.99 9.83 23.77
C GLY A 171 -7.93 8.86 24.27
N SER A 172 -6.81 8.74 23.55
CA SER A 172 -5.75 7.81 23.96
C SER A 172 -4.69 8.46 24.84
N ALA A 173 -4.27 7.72 25.86
CA ALA A 173 -3.28 8.17 26.86
C ALA A 173 -1.88 8.04 26.31
N TYR A 174 -1.66 6.99 25.51
CA TYR A 174 -0.39 6.77 24.88
C TYR A 174 -0.10 7.95 23.95
N LEU A 175 -1.09 8.29 23.11
CA LEU A 175 -1.01 9.44 22.20
C LEU A 175 -0.90 10.79 22.92
N GLN A 176 -1.77 11.04 23.90
CA GLN A 176 -1.62 12.20 24.81
C GLN A 176 -0.17 12.39 25.26
N ARG A 177 0.43 11.30 25.75
CA ARG A 177 1.74 11.31 26.35
C ARG A 177 2.82 11.34 25.29
N LEU A 178 2.56 10.68 24.15
CA LEU A 178 3.53 10.71 23.06
C LEU A 178 3.70 12.14 22.56
N GLY A 179 2.56 12.81 22.36
CA GLY A 179 2.49 14.17 21.84
C GLY A 179 3.30 15.20 22.62
N SER A 180 3.32 15.07 23.94
CA SER A 180 3.96 16.02 24.85
C SER A 180 5.41 15.68 25.18
N THR A 181 5.78 14.41 24.98
CA THR A 181 7.12 13.97 25.35
C THR A 181 8.06 13.79 24.15
N LEU A 182 7.52 13.45 22.98
CA LEU A 182 8.36 13.28 21.80
C LEU A 182 8.84 14.62 21.22
N ASP A 183 10.16 14.71 20.98
CA ASP A 183 10.74 15.93 20.46
C ASP A 183 10.03 16.37 19.16
N PRO A 184 9.70 17.67 19.06
CA PRO A 184 8.87 18.15 17.93
C PRO A 184 9.58 18.05 16.57
N ALA A 185 10.90 17.91 16.59
CA ALA A 185 11.62 17.61 15.34
C ALA A 185 11.36 16.19 14.81
N ILE A 186 10.79 15.33 15.65
CA ILE A 186 10.55 13.94 15.26
C ILE A 186 9.14 13.78 14.73
N ASP A 187 9.03 13.37 13.47
CA ASP A 187 7.72 13.09 12.86
C ASP A 187 7.09 11.76 13.33
N ILE A 188 5.75 11.69 13.25
CA ILE A 188 4.99 10.53 13.68
C ILE A 188 4.06 10.00 12.57
N PHE A 189 4.13 8.68 12.30
CA PHE A 189 3.26 8.04 11.32
C PHE A 189 1.83 7.88 11.78
N TRP A 190 0.90 7.87 10.82
CA TRP A 190 -0.50 7.61 11.08
C TRP A 190 -1.12 7.00 9.81
N THR A 191 -1.94 5.95 9.95
CA THR A 191 -2.51 5.27 8.79
C THR A 191 -3.96 5.67 8.58
N GLY A 192 -4.47 6.56 9.43
CA GLY A 192 -5.86 6.97 9.32
C GLY A 192 -6.72 6.27 10.36
N PRO A 193 -8.05 6.30 10.18
CA PRO A 193 -8.94 5.68 11.18
C PRO A 193 -8.75 4.17 11.27
N GLU A 194 -8.22 3.54 10.21
CA GLU A 194 -7.93 2.12 10.26
C GLU A 194 -6.53 1.85 9.71
N ILE A 195 -6.07 0.62 9.91
CA ILE A 195 -4.81 0.22 9.31
C ILE A 195 -4.85 0.50 7.80
N VAL A 196 -5.93 0.08 7.16
CA VAL A 196 -6.24 0.28 5.75
C VAL A 196 -7.51 1.16 5.71
N SER A 197 -7.31 2.45 5.53
CA SER A 197 -8.40 3.39 5.67
C SER A 197 -9.15 3.61 4.38
N GLU A 198 -10.47 3.36 4.39
CA GLU A 198 -11.29 3.57 3.21
C GLU A 198 -11.26 5.04 2.83
N GLU A 199 -11.24 5.87 3.86
CA GLU A 199 -11.24 7.32 3.71
C GLU A 199 -10.37 7.86 4.82
N ILE A 200 -9.73 8.99 4.55
CA ILE A 200 -9.05 9.75 5.59
C ILE A 200 -9.52 11.18 5.42
N VAL A 201 -10.34 11.65 6.36
CA VAL A 201 -11.00 12.96 6.26
C VAL A 201 -10.36 13.99 7.15
N ALA A 202 -10.60 15.26 6.81
CA ALA A 202 -9.99 16.41 7.45
C ALA A 202 -10.26 16.46 8.96
N ALA A 203 -11.51 16.25 9.35
CA ALA A 203 -11.91 16.30 10.75
C ALA A 203 -11.14 15.26 11.56
N HIS A 204 -10.92 14.08 10.96
CA HIS A 204 -10.13 13.04 11.58
C HIS A 204 -8.70 13.45 11.82
N LEU A 205 -8.07 14.04 10.81
CA LEU A 205 -6.65 14.42 10.94
C LEU A 205 -6.44 15.69 11.79
N ALA A 206 -7.47 16.54 11.92
CA ALA A 206 -7.39 17.69 12.81
C ALA A 206 -7.23 17.16 14.23
N ALA A 207 -8.03 16.15 14.58
CA ALA A 207 -7.99 15.45 15.88
C ALA A 207 -6.62 14.84 16.15
N VAL A 208 -6.09 14.15 15.15
CA VAL A 208 -4.77 13.54 15.26
C VAL A 208 -3.68 14.59 15.54
N GLY A 209 -3.68 15.68 14.77
CA GLY A 209 -2.72 16.76 14.94
C GLY A 209 -2.69 17.33 16.36
N GLU A 210 -3.88 17.51 16.93
CA GLU A 210 -4.07 18.04 18.28
C GLU A 210 -3.38 17.18 19.35
N VAL A 211 -3.68 15.88 19.35
CA VAL A 211 -3.12 14.97 20.35
C VAL A 211 -1.64 14.68 20.19
N LEU A 212 -1.15 14.65 18.95
CA LEU A 212 0.27 14.43 18.68
C LEU A 212 1.02 15.74 18.75
N ARG A 213 0.24 16.82 18.83
CA ARG A 213 0.75 18.20 18.90
C ARG A 213 1.61 18.54 17.69
N ARG A 214 1.29 17.90 16.56
CA ARG A 214 1.99 18.08 15.29
C ARG A 214 1.24 17.39 14.16
N ARG A 215 1.49 17.82 12.92
CA ARG A 215 0.87 17.20 11.74
C ARG A 215 1.53 15.85 11.50
N PRO A 216 0.72 14.78 11.36
CA PRO A 216 1.27 13.44 11.14
C PRO A 216 1.78 13.24 9.75
N VAL A 217 2.79 12.38 9.61
CA VAL A 217 3.18 11.89 8.31
C VAL A 217 2.23 10.72 8.05
N ILE A 218 1.51 10.76 6.94
CA ILE A 218 0.65 9.64 6.57
C ILE A 218 1.47 8.43 6.17
N TRP A 219 1.09 7.29 6.71
CA TRP A 219 1.59 6.01 6.27
C TRP A 219 0.38 5.35 5.62
N ASP A 220 0.25 5.46 4.30
CA ASP A 220 -0.99 4.96 3.69
C ASP A 220 -0.84 3.50 3.27
N ASN A 221 -1.73 2.65 3.81
CA ASN A 221 -1.79 1.22 3.46
C ASN A 221 -2.91 0.88 2.46
N PHE A 222 -3.51 1.90 1.83
CA PHE A 222 -4.58 1.74 0.82
C PHE A 222 -4.25 0.70 -0.27
N HIS A 223 -3.00 0.67 -0.74
CA HIS A 223 -2.64 -0.22 -1.85
C HIS A 223 -1.92 -1.50 -1.39
N ALA A 224 -1.59 -1.59 -0.09
CA ALA A 224 -0.99 -2.81 0.49
C ALA A 224 -1.86 -4.05 0.23
N ASN A 225 -1.22 -5.21 0.06
CA ASN A 225 -1.95 -6.46 -0.13
C ASN A 225 -1.35 -7.65 0.65
N ASP A 226 -0.41 -7.36 1.54
CA ASP A 226 0.21 -8.44 2.35
C ASP A 226 -0.85 -9.23 3.16
N TYR A 227 -1.75 -8.49 3.82
CA TYR A 227 -2.86 -9.02 4.61
C TYR A 227 -3.91 -9.80 3.78
N ASP A 228 -3.85 -9.70 2.45
CA ASP A 228 -4.81 -10.42 1.59
C ASP A 228 -4.20 -10.80 0.24
N ILE A 229 -3.35 -11.82 0.23
CA ILE A 229 -2.57 -12.17 -0.97
C ILE A 229 -3.47 -12.73 -2.08
N ARG A 230 -4.76 -12.88 -1.76
CA ARG A 230 -5.77 -13.17 -2.76
C ARG A 230 -6.07 -11.91 -3.60
N ARG A 231 -5.67 -10.74 -3.12
CA ARG A 231 -6.01 -9.49 -3.81
C ARG A 231 -4.76 -8.63 -4.12
N VAL A 232 -4.88 -7.82 -5.16
CA VAL A 232 -3.84 -6.86 -5.57
C VAL A 232 -4.54 -5.56 -5.99
N PHE A 233 -3.93 -4.41 -5.71
CA PHE A 233 -4.58 -3.11 -5.98
C PHE A 233 -3.87 -2.25 -7.02
N ALA A 234 -4.41 -2.27 -8.23
CA ALA A 234 -3.85 -1.55 -9.37
C ALA A 234 -4.68 -0.33 -9.77
N GLY A 235 -5.67 -0.01 -8.95
CA GLY A 235 -6.47 1.18 -9.15
C GLY A 235 -5.86 2.44 -8.57
N PRO A 236 -6.54 3.60 -8.76
CA PRO A 236 -6.01 4.89 -8.32
C PRO A 236 -6.23 5.08 -6.83
N LEU A 237 -5.35 5.85 -6.20
CA LEU A 237 -5.57 6.27 -4.83
C LEU A 237 -6.94 6.92 -4.72
N GLY A 238 -7.74 6.49 -3.76
CA GLY A 238 -9.07 7.06 -3.58
C GLY A 238 -9.41 7.24 -2.12
N GLY A 239 -10.45 8.04 -1.87
CA GLY A 239 -10.97 8.22 -0.54
C GLY A 239 -10.27 9.29 0.28
N ARG A 240 -9.32 10.00 -0.33
CA ARG A 240 -8.64 11.06 0.39
C ARG A 240 -8.81 12.33 -0.41
N SER A 241 -9.50 13.30 0.18
CA SER A 241 -9.63 14.58 -0.49
C SER A 241 -8.33 15.35 -0.42
N ARG A 242 -8.18 16.29 -1.35
CA ARG A 242 -7.07 17.23 -1.34
C ARG A 242 -7.05 18.18 -0.11
N ASP A 243 -8.20 18.30 0.54
CA ASP A 243 -8.33 19.24 1.66
C ASP A 243 -7.69 18.73 2.94
N ILE A 244 -7.17 17.51 2.92
CA ILE A 244 -6.52 16.96 4.10
C ILE A 244 -5.03 17.24 4.11
N LEU A 245 -4.50 17.72 2.98
CA LEU A 245 -3.07 17.90 2.81
C LEU A 245 -2.44 19.02 3.66
N PRO A 246 -3.19 20.11 3.94
CA PRO A 246 -2.64 21.05 4.92
C PRO A 246 -2.56 20.49 6.35
N LEU A 247 -3.07 19.28 6.55
CA LEU A 247 -3.16 18.67 7.87
C LEU A 247 -2.12 17.58 8.06
N VAL A 248 -1.23 17.44 7.08
CA VAL A 248 -0.24 16.38 7.16
C VAL A 248 1.16 16.92 6.94
N ALA A 249 2.14 16.17 7.47
CA ALA A 249 3.55 16.52 7.39
C ALA A 249 4.23 15.69 6.33
N GLY A 250 3.48 14.77 5.73
CA GLY A 250 4.06 13.86 4.75
C GLY A 250 3.11 12.81 4.22
N TRP A 251 3.57 12.07 3.22
CA TRP A 251 2.79 11.02 2.61
C TRP A 251 3.66 9.87 2.16
N ILE A 252 3.59 8.76 2.87
CA ILE A 252 4.36 7.58 2.51
C ILE A 252 3.40 6.46 2.14
N THR A 253 3.59 5.85 0.97
CA THR A 253 2.73 4.75 0.53
C THR A 253 3.36 3.42 0.88
N ASN A 254 2.60 2.57 1.55
CA ASN A 254 3.00 1.19 1.74
C ASN A 254 2.32 0.37 0.65
N PRO A 255 3.07 -0.05 -0.36
CA PRO A 255 2.41 -0.58 -1.55
C PRO A 255 2.38 -2.13 -1.59
N ASN A 256 1.84 -2.69 -2.69
CA ASN A 256 1.77 -4.12 -2.96
C ASN A 256 3.12 -4.81 -2.81
N ASN A 257 3.08 -6.09 -2.44
CA ASN A 257 4.29 -6.90 -2.21
C ASN A 257 5.17 -6.99 -3.46
N GLU A 258 4.52 -7.14 -4.62
CA GLU A 258 5.23 -7.31 -5.88
C GLU A 258 5.51 -5.94 -6.47
N ALA A 259 6.77 -5.72 -6.81
CA ALA A 259 7.22 -4.40 -7.28
C ALA A 259 6.41 -3.92 -8.48
N GLU A 260 6.29 -4.81 -9.48
CA GLU A 260 5.58 -4.53 -10.74
C GLU A 260 4.13 -4.15 -10.56
N ALA A 261 3.53 -4.60 -9.45
CA ALA A 261 2.16 -4.25 -9.15
C ALA A 261 1.98 -2.76 -8.84
N ASN A 262 3.07 -2.10 -8.45
CA ASN A 262 2.96 -0.77 -7.87
C ASN A 262 3.00 0.43 -8.82
N PHE A 263 3.04 0.21 -10.13
CA PHE A 263 3.13 1.36 -11.04
C PHE A 263 1.97 2.35 -10.90
N PRO A 264 0.73 1.86 -10.99
CA PRO A 264 -0.43 2.79 -10.80
C PRO A 264 -0.56 3.42 -9.42
N ALA A 265 -0.27 2.65 -8.38
CA ALA A 265 -0.34 3.17 -7.00
C ALA A 265 0.60 4.36 -6.84
N ILE A 266 1.82 4.23 -7.33
CA ILE A 266 2.81 5.33 -7.24
C ILE A 266 2.46 6.48 -8.16
N HIS A 267 2.05 6.16 -9.40
CA HIS A 267 1.67 7.20 -10.39
C HIS A 267 0.49 8.06 -9.91
N THR A 268 -0.54 7.43 -9.35
CA THR A 268 -1.74 8.15 -8.94
C THR A 268 -1.55 8.85 -7.61
N THR A 269 -0.85 8.22 -6.67
CA THR A 269 -0.53 8.90 -5.42
C THR A 269 0.21 10.23 -5.69
N GLY A 270 1.20 10.17 -6.58
CA GLY A 270 1.98 11.34 -6.94
C GLY A 270 1.14 12.41 -7.60
N ALA A 271 0.14 11.97 -8.40
CA ALA A 271 -0.78 12.90 -9.03
C ALA A 271 -1.68 13.52 -7.95
N TYR A 272 -2.07 12.73 -6.95
CA TYR A 272 -2.91 13.23 -5.86
C TYR A 272 -2.18 14.33 -5.08
N LEU A 273 -0.88 14.14 -4.92
CA LEU A 273 -0.05 15.07 -4.18
C LEU A 273 0.24 16.34 -4.95
N ALA A 274 0.34 16.23 -6.26
CA ALA A 274 0.72 17.36 -7.11
C ALA A 274 -0.46 18.16 -7.69
N ASP A 275 -1.64 17.54 -7.82
CA ASP A 275 -2.71 18.13 -8.63
C ASP A 275 -3.94 18.53 -7.83
N PRO A 276 -4.25 19.83 -7.79
CA PRO A 276 -5.45 20.33 -7.11
C PRO A 276 -6.75 19.72 -7.63
N ASP A 277 -6.78 19.34 -8.91
CA ASP A 277 -7.99 18.77 -9.52
C ASP A 277 -7.99 17.24 -9.59
N TYR A 278 -7.11 16.60 -8.83
CA TYR A 278 -6.98 15.14 -8.83
C TYR A 278 -8.37 14.52 -8.84
N ALA A 279 -8.59 13.63 -9.80
CA ALA A 279 -9.80 12.84 -9.85
C ALA A 279 -9.37 11.40 -10.12
N PRO A 280 -9.81 10.44 -9.28
CA PRO A 280 -9.26 9.08 -9.41
C PRO A 280 -9.39 8.49 -10.81
N GLU A 281 -10.57 8.60 -11.42
CA GLU A 281 -10.80 8.01 -12.76
C GLU A 281 -9.94 8.65 -13.88
N ARG A 282 -9.74 9.96 -13.79
CA ARG A 282 -8.86 10.65 -14.73
C ARG A 282 -7.40 10.24 -14.44
N ALA A 283 -7.00 10.24 -13.17
CA ALA A 283 -5.66 9.82 -12.82
C ALA A 283 -5.30 8.38 -13.25
N ILE A 284 -6.25 7.43 -13.17
CA ILE A 284 -5.91 6.06 -13.56
C ILE A 284 -5.75 5.97 -15.08
N ALA A 285 -6.45 6.83 -15.82
CA ALA A 285 -6.26 6.92 -17.28
C ALA A 285 -4.84 7.33 -17.64
N ALA A 286 -4.31 8.36 -16.97
CA ALA A 286 -2.91 8.77 -17.22
C ALA A 286 -1.92 7.68 -16.78
N ALA A 287 -2.18 6.99 -15.66
CA ALA A 287 -1.28 5.93 -15.21
C ALA A 287 -1.23 4.80 -16.24
N VAL A 288 -2.38 4.48 -16.83
CA VAL A 288 -2.46 3.43 -17.86
C VAL A 288 -1.68 3.79 -19.10
N ALA A 289 -1.82 5.06 -19.54
CA ALA A 289 -1.11 5.52 -20.71
C ALA A 289 0.42 5.47 -20.47
N ALA A 290 0.88 5.85 -19.27
CA ALA A 290 2.32 5.78 -18.95
C ALA A 290 2.81 4.35 -18.62
N TRP A 291 1.90 3.48 -18.23
CA TRP A 291 2.26 2.10 -17.82
C TRP A 291 2.40 1.13 -19.00
N GLN A 292 1.53 1.32 -19.99
CA GLN A 292 1.41 0.43 -21.16
C GLN A 292 2.74 -0.06 -21.80
N PRO A 293 3.75 0.82 -21.95
CA PRO A 293 5.06 0.36 -22.45
C PRO A 293 5.75 -0.79 -21.69
N ARG A 294 5.41 -1.02 -20.43
CA ARG A 294 5.99 -2.17 -19.76
C ARG A 294 5.38 -3.49 -20.24
N PHE A 295 4.31 -3.40 -21.03
CA PHE A 295 3.59 -4.60 -21.48
C PHE A 295 4.02 -5.08 -22.87
N ARG A 296 5.22 -4.71 -23.31
CA ARG A 296 5.75 -5.20 -24.57
C ARG A 296 5.66 -6.73 -24.62
N LEU A 297 5.22 -7.25 -25.76
CA LEU A 297 5.10 -8.70 -25.96
C LEU A 297 6.47 -9.26 -26.30
N ALA A 298 6.76 -10.49 -25.85
CA ALA A 298 8.08 -11.12 -26.15
C ALA A 298 8.31 -11.21 -27.66
N PHE A 299 9.57 -11.02 -28.08
CA PHE A 299 10.00 -11.15 -29.49
C PHE A 299 9.21 -10.26 -30.48
N GLY A 300 8.65 -9.16 -30.00
CA GLY A 300 7.67 -8.39 -30.79
C GLY A 300 7.80 -6.93 -30.44
N ASP A 301 7.26 -6.07 -31.31
CA ASP A 301 7.30 -4.61 -31.10
C ASP A 301 6.00 -4.16 -30.44
N GLY A 302 4.98 -4.99 -30.58
CA GLY A 302 3.67 -4.72 -29.98
C GLY A 302 3.66 -4.95 -28.48
N ALA A 303 2.58 -4.46 -27.86
CA ALA A 303 2.36 -4.53 -26.42
C ALA A 303 0.89 -4.89 -26.16
N VAL A 304 0.55 -5.25 -24.92
CA VAL A 304 -0.87 -5.42 -24.50
C VAL A 304 -1.55 -4.07 -24.81
N PRO A 305 -2.72 -4.08 -25.47
CA PRO A 305 -3.33 -2.80 -25.81
C PRO A 305 -3.76 -2.00 -24.58
N SER A 306 -3.84 -0.68 -24.71
CA SER A 306 -4.20 0.19 -23.59
C SER A 306 -5.51 -0.20 -22.89
N ASP A 307 -6.52 -0.56 -23.67
CA ASP A 307 -7.89 -0.84 -23.12
C ASP A 307 -7.85 -2.06 -22.17
N LEU A 308 -6.92 -2.96 -22.42
CA LEU A 308 -6.80 -4.17 -21.63
C LEU A 308 -6.01 -3.89 -20.37
N VAL A 309 -4.94 -3.11 -20.49
CA VAL A 309 -4.23 -2.59 -19.32
C VAL A 309 -5.23 -1.79 -18.43
N ALA A 310 -6.04 -0.93 -19.03
CA ALA A 310 -7.11 -0.25 -18.30
C ALA A 310 -8.04 -1.27 -17.59
N LEU A 311 -8.42 -2.33 -18.31
CA LEU A 311 -9.24 -3.40 -17.73
C LEU A 311 -8.59 -4.08 -16.53
N LEU A 312 -7.30 -4.38 -16.63
CA LEU A 312 -6.53 -4.91 -15.48
C LEU A 312 -6.70 -4.06 -14.22
N CYS A 313 -6.57 -2.74 -14.35
CA CYS A 313 -6.74 -1.85 -13.19
C CYS A 313 -8.17 -1.93 -12.69
N ASP A 314 -9.10 -1.97 -13.63
CA ASP A 314 -10.52 -2.02 -13.29
C ASP A 314 -10.88 -3.28 -12.50
N LEU A 315 -10.34 -4.43 -12.88
CA LEU A 315 -10.59 -5.68 -12.14
C LEU A 315 -10.00 -5.68 -10.74
N PHE A 316 -8.83 -5.07 -10.60
CA PHE A 316 -8.03 -5.16 -9.37
C PHE A 316 -7.77 -3.74 -8.93
N TRP A 317 -8.81 -3.16 -8.33
CA TRP A 317 -8.97 -1.74 -8.27
C TRP A 317 -8.56 -1.21 -6.90
N GLN A 318 -9.47 -1.25 -5.94
CA GLN A 318 -9.21 -0.71 -4.58
C GLN A 318 -9.62 -1.69 -3.51
N PRO A 319 -9.09 -1.54 -2.28
CA PRO A 319 -9.48 -2.41 -1.17
C PRO A 319 -10.97 -2.38 -0.84
N PHE A 320 -11.67 -1.30 -1.15
CA PHE A 320 -13.10 -1.20 -0.79
C PHE A 320 -14.01 -0.96 -1.99
N ALA A 321 -13.56 -1.35 -3.17
CA ALA A 321 -14.32 -1.10 -4.41
C ALA A 321 -13.72 -1.80 -5.63
N LEU A 322 -14.61 -2.43 -6.39
CA LEU A 322 -14.29 -2.92 -7.73
C LEU A 322 -14.28 -1.69 -8.63
N GLY A 323 -13.58 -1.75 -9.75
CA GLY A 323 -13.52 -0.60 -10.65
C GLY A 323 -14.86 -0.23 -11.27
N PRO A 324 -14.99 0.99 -11.77
CA PRO A 324 -16.29 1.47 -12.23
C PRO A 324 -16.88 0.66 -13.40
N GLU A 325 -16.02 0.22 -14.31
CA GLU A 325 -16.47 -0.49 -15.52
C GLU A 325 -17.03 -1.88 -15.20
N THR A 326 -16.29 -2.68 -14.44
CA THR A 326 -16.81 -3.98 -14.03
C THR A 326 -17.96 -3.84 -13.01
N THR A 327 -17.92 -2.83 -12.15
CA THR A 327 -19.01 -2.56 -11.21
C THR A 327 -20.35 -2.35 -11.96
N ARG A 328 -20.34 -1.51 -12.99
CA ARG A 328 -21.57 -1.17 -13.69
C ARG A 328 -22.07 -2.38 -14.48
N ILE A 329 -21.15 -3.16 -15.05
CA ILE A 329 -21.52 -4.36 -15.80
C ILE A 329 -22.22 -5.38 -14.89
N LEU A 330 -21.72 -5.54 -13.66
CA LEU A 330 -22.32 -6.48 -12.71
C LEU A 330 -23.62 -5.93 -12.07
N SER A 331 -23.69 -4.61 -11.87
CA SER A 331 -24.91 -3.96 -11.39
C SER A 331 -26.01 -4.06 -12.44
N ALA A 332 -25.67 -3.93 -13.71
CA ALA A 332 -26.69 -4.07 -14.73
C ALA A 332 -27.22 -5.52 -14.77
N LEU A 333 -26.36 -6.49 -14.50
CA LEU A 333 -26.73 -7.90 -14.50
C LEU A 333 -27.58 -8.22 -13.28
N ARG A 334 -27.22 -7.63 -12.14
CA ARG A 334 -28.03 -7.70 -10.91
C ARG A 334 -29.42 -7.10 -11.06
N ALA A 335 -29.51 -5.97 -11.76
CA ALA A 335 -30.81 -5.36 -12.02
C ALA A 335 -31.69 -6.26 -12.90
N ALA A 336 -31.05 -7.05 -13.75
CA ALA A 336 -31.75 -7.98 -14.66
C ALA A 336 -32.06 -9.31 -13.99
N LEU A 337 -31.27 -9.67 -12.97
CA LEU A 337 -31.54 -10.87 -12.16
C LEU A 337 -32.47 -10.58 -11.00
N THR A 338 -33.26 -9.52 -11.16
CA THR A 338 -34.23 -9.15 -10.16
C THR A 338 -35.31 -10.26 -10.04
N VAL A 339 -35.50 -11.01 -11.13
CA VAL A 339 -36.43 -12.15 -11.21
C VAL A 339 -35.66 -13.46 -11.43
N PRO A 340 -36.21 -14.60 -10.98
CA PRO A 340 -35.54 -15.90 -11.06
C PRO A 340 -35.38 -16.41 -12.49
N ARG A 341 -36.32 -16.06 -13.36
CA ARG A 341 -36.21 -16.46 -14.75
C ARG A 341 -36.21 -15.25 -15.67
N PRO A 342 -35.01 -14.68 -15.94
CA PRO A 342 -34.95 -13.56 -16.86
C PRO A 342 -35.60 -13.98 -18.15
N ASP A 343 -36.28 -13.03 -18.79
CA ASP A 343 -36.91 -13.28 -20.06
C ASP A 343 -35.90 -13.06 -21.18
N PRO A 344 -35.61 -14.11 -21.98
CA PRO A 344 -34.63 -14.04 -23.05
C PRO A 344 -34.90 -12.93 -24.06
N SER A 345 -36.15 -12.51 -24.16
CA SER A 345 -36.54 -11.50 -25.15
C SER A 345 -36.38 -10.09 -24.62
N ASP A 346 -36.38 -9.93 -23.30
CA ASP A 346 -36.18 -8.63 -22.67
C ASP A 346 -34.88 -7.96 -23.17
N PRO A 347 -34.96 -6.68 -23.60
CA PRO A 347 -33.79 -5.95 -24.09
C PRO A 347 -32.81 -5.63 -22.95
N ALA A 348 -33.33 -5.33 -21.77
CA ALA A 348 -32.51 -5.04 -20.61
C ALA A 348 -31.62 -6.22 -20.18
N TRP A 349 -32.19 -7.42 -20.19
CA TRP A 349 -31.45 -8.64 -19.93
C TRP A 349 -30.53 -8.94 -21.10
N ARG A 350 -31.01 -8.70 -22.31
CA ARG A 350 -30.17 -8.97 -23.50
C ARG A 350 -28.90 -8.11 -23.50
N ALA A 351 -29.05 -6.84 -23.13
CA ALA A 351 -27.94 -5.90 -23.02
C ALA A 351 -26.97 -6.29 -21.89
N ALA A 352 -27.50 -6.60 -20.70
CA ALA A 352 -26.65 -7.01 -19.56
C ALA A 352 -25.78 -8.23 -19.88
N LEU A 353 -26.44 -9.24 -20.46
CA LEU A 353 -25.80 -10.49 -20.88
C LEU A 353 -24.72 -10.28 -21.89
N GLU A 354 -25.00 -9.44 -22.90
CA GLU A 354 -23.99 -9.24 -23.95
C GLU A 354 -22.77 -8.51 -23.38
N ASP A 355 -22.99 -7.59 -22.45
CA ASP A 355 -21.89 -6.89 -21.79
C ASP A 355 -21.08 -7.84 -20.90
N LEU A 356 -21.78 -8.77 -20.26
CA LEU A 356 -21.12 -9.83 -19.50
C LEU A 356 -20.27 -10.71 -20.39
N ARG A 357 -20.81 -11.09 -21.54
CA ARG A 357 -20.10 -11.93 -22.49
C ARG A 357 -18.90 -11.20 -23.08
N ASP A 358 -19.06 -9.91 -23.33
CA ASP A 358 -17.97 -9.10 -23.84
C ASP A 358 -16.84 -9.03 -22.79
N LEU A 359 -17.21 -8.78 -21.53
CA LEU A 359 -16.27 -8.79 -20.42
C LEU A 359 -15.41 -10.07 -20.35
N LYS A 360 -16.07 -11.23 -20.49
CA LYS A 360 -15.36 -12.52 -20.60
C LYS A 360 -14.38 -12.55 -21.76
N ARG A 361 -14.81 -12.15 -22.96
CA ARG A 361 -13.88 -12.15 -24.09
C ARG A 361 -12.65 -11.31 -23.75
N ARG A 362 -12.88 -10.09 -23.26
CA ARG A 362 -11.84 -9.17 -22.88
C ARG A 362 -10.93 -9.68 -21.77
N ILE A 363 -11.50 -10.28 -20.74
CA ILE A 363 -10.65 -10.90 -19.72
C ILE A 363 -9.78 -12.03 -20.33
N ASN A 364 -10.33 -12.76 -21.31
CA ASN A 364 -9.62 -13.92 -21.87
C ASN A 364 -8.44 -13.51 -22.73
N LYS A 365 -8.66 -12.47 -23.53
CA LYS A 365 -7.60 -11.82 -24.31
C LYS A 365 -6.51 -11.28 -23.38
N LEU A 366 -6.87 -10.50 -22.36
CA LEU A 366 -5.88 -9.99 -21.41
C LEU A 366 -5.09 -11.15 -20.78
N PHE A 367 -5.79 -12.18 -20.31
CA PHE A 367 -5.09 -13.34 -19.75
C PHE A 367 -4.04 -13.91 -20.72
N THR A 368 -4.48 -14.23 -21.93
CA THR A 368 -3.62 -14.85 -22.91
C THR A 368 -2.44 -13.92 -23.22
N LEU A 369 -2.72 -12.63 -23.44
CA LEU A 369 -1.66 -11.64 -23.76
C LEU A 369 -0.58 -11.50 -22.68
N MET A 370 -1.00 -11.51 -21.41
CA MET A 370 -0.10 -11.47 -20.27
C MET A 370 0.89 -12.64 -20.25
N THR A 371 0.42 -13.83 -20.63
CA THR A 371 1.30 -15.00 -20.67
C THR A 371 2.44 -14.82 -21.68
N GLU A 372 2.25 -13.91 -22.64
CA GLU A 372 3.21 -13.70 -23.74
C GLU A 372 4.09 -12.46 -23.55
N ILE A 373 4.01 -11.76 -22.43
CA ILE A 373 4.78 -10.52 -22.31
C ILE A 373 6.24 -10.79 -21.99
N GLU A 374 7.08 -9.87 -22.44
CA GLU A 374 8.54 -9.95 -22.24
C GLU A 374 8.87 -9.88 -20.75
N ASN A 375 8.20 -8.99 -20.03
CA ASN A 375 8.45 -8.78 -18.62
C ASN A 375 7.78 -9.87 -17.75
N ARG A 376 8.56 -10.88 -17.39
CA ARG A 376 8.02 -12.08 -16.73
C ARG A 376 7.54 -11.84 -15.31
N ASP A 377 8.23 -10.94 -14.60
CA ASP A 377 7.83 -10.44 -13.31
C ASP A 377 6.44 -9.82 -13.28
N LEU A 378 6.17 -8.97 -14.26
CA LEU A 378 4.84 -8.39 -14.45
C LEU A 378 3.83 -9.50 -14.74
N PHE A 379 4.21 -10.47 -15.57
CA PHE A 379 3.36 -11.63 -15.83
C PHE A 379 3.07 -12.40 -14.54
N HIS A 380 4.10 -12.69 -13.77
CA HIS A 380 3.98 -13.43 -12.53
C HIS A 380 3.19 -12.67 -11.50
N THR A 381 3.33 -11.35 -11.50
CA THR A 381 2.60 -10.52 -10.58
C THR A 381 1.10 -10.71 -10.74
N PHE A 382 0.61 -10.81 -11.98
CA PHE A 382 -0.83 -10.81 -12.21
C PHE A 382 -1.52 -12.15 -12.54
N HIS A 383 -0.72 -13.16 -12.90
CA HIS A 383 -1.25 -14.39 -13.48
C HIS A 383 -2.36 -15.00 -12.65
N ASN A 384 -2.06 -15.28 -11.38
CA ASN A 384 -3.06 -15.87 -10.49
C ASN A 384 -4.32 -15.07 -10.23
N TYR A 385 -4.19 -13.76 -10.07
CA TYR A 385 -5.37 -12.91 -9.93
C TYR A 385 -6.21 -12.97 -11.19
N LEU A 386 -5.53 -12.90 -12.33
CA LEU A 386 -6.18 -13.00 -13.63
C LEU A 386 -6.83 -14.38 -13.86
N TRP A 387 -6.19 -15.44 -13.37
CA TRP A 387 -6.69 -16.81 -13.50
C TRP A 387 -8.03 -16.91 -12.78
N GLU A 388 -8.08 -16.46 -11.52
CA GLU A 388 -9.32 -16.39 -10.74
C GLU A 388 -10.39 -15.52 -11.43
N ALA A 389 -10.03 -14.31 -11.84
CA ALA A 389 -10.94 -13.46 -12.60
C ALA A 389 -11.52 -14.20 -13.81
N GLN A 390 -10.66 -14.88 -14.55
CA GLN A 390 -11.07 -15.58 -15.74
C GLN A 390 -11.96 -16.80 -15.44
N GLU A 391 -11.71 -17.48 -14.31
CA GLU A 391 -12.56 -18.60 -13.93
C GLU A 391 -13.97 -18.18 -13.49
N GLU A 392 -14.06 -17.17 -12.63
CA GLU A 392 -15.36 -16.82 -12.10
C GLU A 392 -16.20 -15.93 -13.03
N VAL A 393 -15.62 -15.35 -14.07
CA VAL A 393 -16.42 -14.74 -15.13
C VAL A 393 -16.93 -15.85 -16.05
N GLY A 394 -16.09 -16.88 -16.22
CA GLY A 394 -16.47 -18.12 -16.86
C GLY A 394 -17.66 -18.76 -16.19
N HIS A 395 -17.64 -18.87 -14.86
CA HIS A 395 -18.77 -19.44 -14.12
C HIS A 395 -20.03 -18.56 -14.33
N LEU A 396 -19.90 -17.26 -14.09
CA LEU A 396 -21.00 -16.30 -14.30
C LEU A 396 -21.64 -16.36 -15.69
N VAL A 397 -20.83 -16.46 -16.74
CA VAL A 397 -21.36 -16.55 -18.10
C VAL A 397 -22.09 -17.89 -18.32
N ALA A 398 -21.54 -18.99 -17.81
CA ALA A 398 -22.17 -20.30 -17.97
C ALA A 398 -23.54 -20.28 -17.27
N TYR A 399 -23.60 -19.75 -16.05
CA TYR A 399 -24.88 -19.60 -15.37
C TYR A 399 -25.88 -18.75 -16.15
N CYS A 400 -25.45 -17.60 -16.67
CA CYS A 400 -26.36 -16.71 -17.40
C CYS A 400 -26.70 -17.24 -18.80
N ASP A 401 -25.75 -17.96 -19.40
CA ASP A 401 -25.97 -18.64 -20.68
C ASP A 401 -27.03 -19.70 -20.49
N TRP A 402 -27.09 -20.25 -19.28
CA TRP A 402 -28.07 -21.26 -18.90
C TRP A 402 -29.45 -20.63 -18.73
N LEU A 403 -29.51 -19.44 -18.12
CA LEU A 403 -30.78 -18.75 -17.91
C LEU A 403 -31.32 -18.25 -19.23
N ASP A 404 -30.45 -18.11 -20.21
CA ASP A 404 -30.85 -17.61 -21.52
C ASP A 404 -31.49 -18.71 -22.38
N GLU A 405 -31.74 -19.88 -21.80
CA GLU A 405 -32.45 -20.96 -22.49
C GLU A 405 -33.84 -21.16 -21.91
N ALA A 406 -34.31 -20.15 -21.18
CA ALA A 406 -35.64 -20.15 -20.58
C ALA A 406 -35.91 -21.46 -19.84
N PRO A 407 -34.98 -21.88 -18.96
CA PRO A 407 -35.22 -23.17 -18.35
C PRO A 407 -36.45 -23.07 -17.45
N PRO A 408 -37.18 -24.20 -17.25
CA PRO A 408 -38.32 -24.11 -16.35
C PRO A 408 -37.87 -23.72 -14.93
N PRO A 409 -38.67 -22.90 -14.22
CA PRO A 409 -38.37 -22.65 -12.80
C PRO A 409 -38.45 -23.97 -12.04
N GLY A 410 -37.81 -24.06 -10.89
CA GLY A 410 -37.74 -25.33 -10.20
C GLY A 410 -36.43 -25.98 -10.60
N ALA A 411 -36.19 -26.03 -11.91
CA ALA A 411 -34.91 -26.45 -12.46
C ALA A 411 -33.76 -25.74 -11.77
N VAL A 412 -32.64 -26.43 -11.70
CA VAL A 412 -31.44 -25.96 -11.02
C VAL A 412 -30.29 -25.98 -12.04
N PHE A 413 -29.41 -24.99 -11.94
CA PHE A 413 -28.25 -24.89 -12.83
C PHE A 413 -27.41 -26.17 -12.78
N PRO A 414 -27.18 -26.82 -13.94
CA PRO A 414 -26.44 -28.08 -14.03
C PRO A 414 -25.02 -27.95 -13.48
N ALA A 415 -24.86 -28.30 -12.20
CA ALA A 415 -23.58 -28.36 -11.46
C ALA A 415 -23.20 -27.04 -10.77
N ARG A 425 -13.82 -6.82 -0.87
CA ARG A 425 -14.33 -6.28 -2.15
C ARG A 425 -13.36 -6.50 -3.32
N GLY A 426 -13.91 -6.96 -4.44
CA GLY A 426 -13.14 -7.28 -5.64
C GLY A 426 -13.98 -8.09 -6.63
N PHE A 427 -13.38 -8.48 -7.75
CA PHE A 427 -14.13 -9.16 -8.82
C PHE A 427 -14.66 -10.55 -8.43
N GLY A 428 -13.76 -11.44 -7.99
CA GLY A 428 -14.14 -12.80 -7.58
C GLY A 428 -15.36 -12.83 -6.67
N VAL A 429 -15.29 -12.08 -5.56
CA VAL A 429 -16.34 -12.02 -4.54
C VAL A 429 -17.64 -11.42 -5.06
N ALA A 430 -17.57 -10.30 -5.77
CA ALA A 430 -18.72 -9.72 -6.45
C ALA A 430 -19.48 -10.78 -7.28
N VAL A 431 -18.73 -11.61 -8.01
CA VAL A 431 -19.29 -12.70 -8.85
C VAL A 431 -19.92 -13.82 -8.00
N GLN A 432 -19.18 -14.28 -7.01
CA GLN A 432 -19.67 -15.30 -6.08
C GLN A 432 -20.86 -14.81 -5.26
N ASP A 433 -20.94 -13.50 -5.04
CA ASP A 433 -22.10 -12.92 -4.39
C ASP A 433 -23.33 -13.07 -5.27
N ILE A 434 -23.14 -12.98 -6.58
CA ILE A 434 -24.28 -13.15 -7.49
C ILE A 434 -24.66 -14.65 -7.67
N LEU A 435 -23.84 -15.54 -7.14
CA LEU A 435 -24.11 -16.99 -7.15
C LEU A 435 -24.14 -17.62 -5.74
C1 GDL B . 0.42 -3.03 9.32
C2 GDL B . 1.83 -2.90 9.32
C3 GDL B . 2.47 -2.94 7.90
C4 GDL B . 1.64 -3.76 6.94
C5 GDL B . 0.33 -3.00 6.85
C6 GDL B . -0.66 -3.62 5.86
C7 GDL B . 1.63 -0.43 9.69
C8 GDL B . 2.20 0.77 10.44
N2 GDL B . 2.21 -1.62 9.98
O1 GDL B . -0.15 -3.16 10.41
O3 GDL B . 3.84 -3.40 7.95
O4 GDL B . 2.28 -3.80 5.64
O5 GDL B . -0.29 -2.93 8.16
O6 GDL B . -1.15 -4.89 6.32
O7 GDL B . 0.70 -0.26 8.90
CL CL C . 18.72 -8.43 19.03
#